data_1DS6
#
_entry.id   1DS6
#
_cell.length_a   53.026
_cell.length_b   61.922
_cell.length_c   141.068
_cell.angle_alpha   90.00
_cell.angle_beta   90.00
_cell.angle_gamma   90.00
#
_symmetry.space_group_name_H-M   'P 21 21 21'
#
loop_
_entity.id
_entity.type
_entity.pdbx_description
1 polymer 'RAS-RELATED C3 BOTULINUM TOXIN SUBSTRATE 2'
2 polymer 'RHO GDP-DISSOCIATION INHIBITOR 2'
3 non-polymer 'MAGNESIUM ION'
4 non-polymer "GUANOSINE-5'-DIPHOSPHATE"
5 water water
#
loop_
_entity_poly.entity_id
_entity_poly.type
_entity_poly.pdbx_seq_one_letter_code
_entity_poly.pdbx_strand_id
1 'polypeptide(L)'
;MQAIKCVVVGDGAVGKTCLLISYTTNAFPGEYIPTVFDNYSANVMVDSKPVNLGLWDTAGQEDYDRLRPLSYPQTDVFLI
CFSLVSPASYENVRAKWFPEVRHHCPSTPIILVGTKLDLRDDKDTIEKLKEKKLAPITYPQGLALAKEIDSVKYLECSAL
TQRGLKTVFDEAIRAVLCPQPTRQQKRACSLL
;
A
2 'polypeptide(L)'
;GNYKPPPQKSLKELQEMDKDDESLIKYKKTLLGDGPVVTDPKAPNVVVTRLTLVCESAPGPITMDLTGDLEALKKETIVL
KEGSEYRVKIHFKVNRDIVSGLKYVQHTYRTGVKVDKATFMVGSYGPRPEEYEFLTPVEEAPKGMLARGTYHNKSFFTDD
DKQDHLSWEWNLSIKKEWGE
;
B
#
# COMPACT_ATOMS: atom_id res chain seq x y z
N MET A 1 -13.57 16.47 8.41
CA MET A 1 -12.48 16.51 9.44
C MET A 1 -11.36 15.54 9.12
N GLN A 2 -11.46 14.33 9.67
CA GLN A 2 -10.42 13.33 9.47
C GLN A 2 -10.68 12.36 8.31
N ALA A 3 -9.63 12.03 7.55
CA ALA A 3 -9.78 11.11 6.42
C ALA A 3 -8.93 9.85 6.50
N ILE A 4 -9.61 8.70 6.49
CA ILE A 4 -8.96 7.40 6.60
C ILE A 4 -9.29 6.51 5.39
N LYS A 5 -8.25 6.06 4.69
CA LYS A 5 -8.42 5.18 3.53
C LYS A 5 -8.22 3.72 3.90
N CYS A 6 -9.21 2.89 3.61
CA CYS A 6 -9.14 1.47 3.91
C CYS A 6 -9.28 0.59 2.67
N VAL A 7 -8.33 -0.30 2.47
CA VAL A 7 -8.33 -1.22 1.32
C VAL A 7 -8.54 -2.66 1.81
N VAL A 8 -9.41 -3.37 1.11
CA VAL A 8 -9.75 -4.75 1.44
C VAL A 8 -9.18 -5.71 0.40
N VAL A 9 -8.31 -6.62 0.85
CA VAL A 9 -7.67 -7.61 -0.02
C VAL A 9 -7.93 -9.03 0.47
N GLY A 10 -7.67 -10.00 -0.40
CA GLY A 10 -7.87 -11.40 -0.10
C GLY A 10 -8.33 -12.17 -1.34
N ASP A 11 -8.36 -13.49 -1.22
CA ASP A 11 -8.78 -14.36 -2.32
C ASP A 11 -10.17 -14.08 -2.87
N GLY A 12 -10.38 -14.46 -4.12
CA GLY A 12 -11.68 -14.30 -4.72
C GLY A 12 -12.60 -15.27 -3.99
N ALA A 13 -13.87 -14.90 -3.89
CA ALA A 13 -14.89 -15.69 -3.22
C ALA A 13 -14.85 -15.72 -1.68
N VAL A 14 -13.94 -14.97 -1.04
CA VAL A 14 -13.91 -14.96 0.42
C VAL A 14 -14.98 -14.03 1.02
N GLY A 15 -15.57 -13.17 0.20
CA GLY A 15 -16.61 -12.29 0.69
C GLY A 15 -16.25 -10.82 0.84
N LYS A 16 -15.21 -10.37 0.13
CA LYS A 16 -14.78 -8.97 0.20
C LYS A 16 -15.89 -7.99 -0.20
N THR A 17 -16.51 -8.21 -1.35
CA THR A 17 -17.58 -7.35 -1.85
C THR A 17 -18.82 -7.37 -0.95
N CYS A 18 -19.30 -8.56 -0.59
CA CYS A 18 -20.46 -8.67 0.28
C CYS A 18 -20.21 -7.98 1.61
N LEU A 19 -18.99 -8.07 2.11
CA LEU A 19 -18.62 -7.42 3.36
C LEU A 19 -18.80 -5.91 3.25
N LEU A 20 -18.35 -5.33 2.14
CA LEU A 20 -18.49 -3.89 1.91
C LEU A 20 -19.93 -3.48 1.57
N ILE A 21 -20.62 -4.26 0.75
CA ILE A 21 -21.99 -3.92 0.41
C ILE A 21 -22.88 -4.07 1.64
N SER A 22 -22.69 -5.16 2.38
CA SER A 22 -23.48 -5.40 3.57
C SER A 22 -23.29 -4.26 4.58
N TYR A 23 -22.03 -3.87 4.81
CA TYR A 23 -21.72 -2.79 5.74
C TYR A 23 -22.24 -1.41 5.31
N THR A 24 -22.03 -1.06 4.05
CA THR A 24 -22.47 0.25 3.55
C THR A 24 -23.96 0.43 3.28
N THR A 25 -24.63 -0.61 2.79
CA THR A 25 -26.06 -0.54 2.48
C THR A 25 -26.94 -1.07 3.61
N ASN A 26 -26.32 -1.71 4.59
CA ASN A 26 -27.02 -2.27 5.72
C ASN A 26 -27.87 -3.50 5.33
N ALA A 27 -27.55 -4.11 4.21
CA ALA A 27 -28.26 -5.30 3.74
C ALA A 27 -27.33 -6.19 2.93
N PHE A 28 -27.46 -7.50 3.13
CA PHE A 28 -26.63 -8.46 2.40
C PHE A 28 -27.20 -8.63 0.98
N PRO A 29 -26.33 -8.61 -0.05
CA PRO A 29 -26.73 -8.76 -1.46
C PRO A 29 -27.62 -9.98 -1.73
N GLY A 30 -27.02 -11.17 -1.70
CA GLY A 30 -27.76 -12.40 -1.93
C GLY A 30 -28.58 -12.43 -3.22
N GLU A 31 -27.95 -12.03 -4.32
CA GLU A 31 -28.61 -11.99 -5.63
C GLU A 31 -27.52 -11.69 -6.66
N TYR A 32 -27.43 -10.42 -7.04
CA TYR A 32 -26.41 -10.00 -7.99
C TYR A 32 -25.29 -9.40 -7.15
N ILE A 33 -24.08 -9.92 -7.33
CA ILE A 33 -22.93 -9.41 -6.62
C ILE A 33 -21.88 -9.04 -7.65
N PRO A 34 -21.56 -7.75 -7.78
CA PRO A 34 -20.55 -7.35 -8.76
C PRO A 34 -19.20 -7.87 -8.31
N THR A 35 -18.29 -8.02 -9.26
CA THR A 35 -16.95 -8.51 -8.96
C THR A 35 -16.26 -7.57 -7.99
N VAL A 36 -16.55 -6.28 -8.11
CA VAL A 36 -15.93 -5.31 -7.23
C VAL A 36 -16.90 -4.20 -6.90
N PHE A 37 -16.93 -3.81 -5.63
CA PHE A 37 -17.81 -2.73 -5.17
C PHE A 37 -17.15 -1.41 -5.57
N ASP A 38 -17.98 -0.39 -5.80
CA ASP A 38 -17.47 0.93 -6.17
C ASP A 38 -17.00 1.61 -4.88
N ASN A 39 -16.14 2.61 -5.03
CA ASN A 39 -15.58 3.35 -3.88
C ASN A 39 -16.60 4.27 -3.23
N TYR A 40 -16.83 4.06 -1.94
CA TYR A 40 -17.75 4.89 -1.15
C TYR A 40 -17.07 5.28 0.16
N SER A 41 -17.56 6.34 0.78
CA SER A 41 -17.01 6.83 2.03
C SER A 41 -18.05 6.86 3.13
N ALA A 42 -17.71 6.26 4.27
CA ALA A 42 -18.62 6.21 5.41
C ALA A 42 -18.31 7.31 6.43
N ASN A 43 -19.30 8.15 6.72
CA ASN A 43 -19.15 9.22 7.71
C ASN A 43 -19.49 8.57 9.04
N VAL A 44 -18.47 8.26 9.82
CA VAL A 44 -18.66 7.60 11.10
C VAL A 44 -18.23 8.44 12.31
N MET A 45 -18.72 8.03 13.47
CA MET A 45 -18.39 8.68 14.73
C MET A 45 -17.73 7.63 15.63
N VAL A 46 -16.55 7.95 16.15
CA VAL A 46 -15.83 7.05 17.05
C VAL A 46 -15.43 7.85 18.29
N ASP A 47 -16.34 7.89 19.27
CA ASP A 47 -16.15 8.63 20.52
C ASP A 47 -15.82 10.11 20.20
N SER A 48 -16.89 10.87 19.91
CA SER A 48 -16.84 12.29 19.53
C SER A 48 -15.91 12.67 18.36
N LYS A 49 -15.40 11.64 17.67
CA LYS A 49 -14.50 11.85 16.53
C LYS A 49 -15.16 11.68 15.15
N PRO A 50 -15.18 12.76 14.34
CA PRO A 50 -15.76 12.77 13.00
C PRO A 50 -14.80 12.12 11.99
N VAL A 51 -15.10 10.90 11.57
CA VAL A 51 -14.24 10.19 10.64
C VAL A 51 -14.90 9.90 9.29
N ASN A 52 -14.18 10.18 8.21
CA ASN A 52 -14.64 9.92 6.85
C ASN A 52 -13.83 8.74 6.29
N LEU A 53 -14.42 7.56 6.39
CA LEU A 53 -13.79 6.32 5.94
C LEU A 53 -14.01 5.97 4.48
N GLY A 54 -12.96 6.08 3.67
CA GLY A 54 -13.05 5.73 2.27
C GLY A 54 -12.81 4.24 2.14
N LEU A 55 -13.72 3.53 1.48
CA LEU A 55 -13.59 2.09 1.32
C LEU A 55 -13.21 1.70 -0.09
N TRP A 56 -12.27 0.76 -0.21
CA TRP A 56 -11.78 0.28 -1.50
C TRP A 56 -11.80 -1.24 -1.59
N ASP A 57 -12.53 -1.75 -2.57
CA ASP A 57 -12.62 -3.19 -2.82
C ASP A 57 -11.47 -3.51 -3.80
N THR A 58 -11.17 -4.79 -4.00
CA THR A 58 -10.09 -5.18 -4.91
C THR A 58 -10.42 -6.44 -5.71
N ALA A 59 -9.86 -6.51 -6.92
CA ALA A 59 -10.02 -7.69 -7.78
C ALA A 59 -8.91 -8.62 -7.33
N GLY A 60 -9.29 -9.73 -6.70
CA GLY A 60 -8.30 -10.67 -6.19
C GLY A 60 -7.57 -11.56 -7.19
N GLN A 61 -8.11 -11.67 -8.40
CA GLN A 61 -7.53 -12.50 -9.45
C GLN A 61 -6.04 -12.29 -9.68
N GLU A 62 -5.37 -13.38 -10.04
CA GLU A 62 -3.94 -13.37 -10.33
C GLU A 62 -3.70 -12.50 -11.58
N ASP A 63 -4.70 -12.47 -12.47
CA ASP A 63 -4.63 -11.69 -13.71
C ASP A 63 -4.43 -10.19 -13.47
N TYR A 64 -4.88 -9.74 -12.31
CA TYR A 64 -4.77 -8.32 -11.96
C TYR A 64 -3.70 -8.02 -10.93
N ASP A 65 -2.75 -8.94 -10.78
CA ASP A 65 -1.64 -8.76 -9.83
C ASP A 65 -0.86 -7.46 -10.10
N ARG A 66 -0.91 -7.00 -11.34
CA ARG A 66 -0.21 -5.80 -11.77
C ARG A 66 -1.03 -4.51 -11.61
N LEU A 67 -2.36 -4.62 -11.71
CA LEU A 67 -3.27 -3.48 -11.60
C LEU A 67 -3.75 -3.16 -10.18
N ARG A 68 -4.09 -4.19 -9.43
CA ARG A 68 -4.58 -4.08 -8.05
C ARG A 68 -3.72 -3.20 -7.13
N PRO A 69 -2.37 -3.35 -7.16
CA PRO A 69 -1.52 -2.53 -6.30
C PRO A 69 -1.57 -1.02 -6.55
N LEU A 70 -2.22 -0.59 -7.65
CA LEU A 70 -2.31 0.83 -7.95
C LEU A 70 -3.21 1.57 -6.95
N SER A 71 -4.03 0.82 -6.22
CA SER A 71 -4.91 1.41 -5.22
C SER A 71 -4.28 1.44 -3.83
N TYR A 72 -3.13 0.82 -3.67
CA TYR A 72 -2.43 0.78 -2.39
C TYR A 72 -1.86 2.10 -1.86
N PRO A 73 -1.30 2.96 -2.75
CA PRO A 73 -0.75 4.23 -2.27
C PRO A 73 -1.69 5.07 -1.43
N GLN A 74 -1.15 5.61 -0.33
CA GLN A 74 -1.89 6.45 0.62
C GLN A 74 -2.90 5.71 1.48
N THR A 75 -2.77 4.39 1.56
CA THR A 75 -3.68 3.59 2.37
C THR A 75 -3.27 3.68 3.83
N ASP A 76 -4.25 3.92 4.69
CA ASP A 76 -4.01 4.04 6.13
C ASP A 76 -4.17 2.69 6.85
N VAL A 77 -5.05 1.84 6.35
CA VAL A 77 -5.25 0.54 6.95
C VAL A 77 -5.81 -0.49 5.97
N PHE A 78 -5.24 -1.68 6.02
CA PHE A 78 -5.65 -2.79 5.18
C PHE A 78 -6.47 -3.84 5.95
N LEU A 79 -7.44 -4.42 5.25
CA LEU A 79 -8.24 -5.49 5.82
C LEU A 79 -7.83 -6.69 4.97
N ILE A 80 -7.11 -7.64 5.55
CA ILE A 80 -6.73 -8.84 4.78
C ILE A 80 -7.75 -9.92 5.16
N CYS A 81 -8.54 -10.33 4.17
CA CYS A 81 -9.59 -11.31 4.41
C CYS A 81 -9.32 -12.75 3.98
N PHE A 82 -9.90 -13.67 4.72
CA PHE A 82 -9.84 -15.07 4.41
C PHE A 82 -11.14 -15.60 4.95
N SER A 83 -11.69 -16.61 4.29
CA SER A 83 -12.95 -17.24 4.70
C SER A 83 -12.69 -18.27 5.79
N LEU A 84 -13.48 -18.19 6.87
CA LEU A 84 -13.35 -19.14 7.97
C LEU A 84 -13.67 -20.57 7.55
N VAL A 85 -14.28 -20.75 6.38
CA VAL A 85 -14.58 -22.09 5.89
C VAL A 85 -13.74 -22.44 4.66
N SER A 86 -12.62 -21.73 4.49
CA SER A 86 -11.72 -21.99 3.37
C SER A 86 -10.25 -21.96 3.80
N PRO A 87 -9.71 -23.13 4.14
CA PRO A 87 -8.30 -23.22 4.55
C PRO A 87 -7.36 -22.71 3.45
N ALA A 88 -7.76 -22.87 2.19
CA ALA A 88 -6.95 -22.40 1.07
C ALA A 88 -6.79 -20.89 1.06
N SER A 89 -7.84 -20.16 1.41
CA SER A 89 -7.75 -18.71 1.44
C SER A 89 -6.93 -18.26 2.64
N TYR A 90 -6.94 -19.10 3.67
CA TYR A 90 -6.17 -18.84 4.89
C TYR A 90 -4.67 -18.93 4.58
N GLU A 91 -4.27 -19.99 3.87
CA GLU A 91 -2.88 -20.19 3.50
C GLU A 91 -2.43 -19.19 2.44
N ASN A 92 -3.37 -18.71 1.64
CA ASN A 92 -3.07 -17.72 0.63
C ASN A 92 -2.69 -16.37 1.26
N VAL A 93 -3.09 -16.17 2.51
CA VAL A 93 -2.72 -14.97 3.25
C VAL A 93 -1.22 -15.08 3.53
N ARG A 94 -0.80 -16.27 3.93
CA ARG A 94 0.61 -16.54 4.25
C ARG A 94 1.49 -16.46 3.01
N ALA A 95 1.05 -17.11 1.93
CA ALA A 95 1.80 -17.18 0.68
C ALA A 95 1.68 -16.00 -0.29
N LYS A 96 0.55 -15.29 -0.26
CA LYS A 96 0.33 -14.20 -1.19
C LYS A 96 -0.01 -12.82 -0.62
N TRP A 97 -1.16 -12.72 0.05
CA TRP A 97 -1.64 -11.46 0.56
C TRP A 97 -0.77 -10.66 1.52
N PHE A 98 -0.28 -11.29 2.59
CA PHE A 98 0.59 -10.58 3.53
C PHE A 98 1.88 -10.15 2.82
N PRO A 99 2.54 -11.05 2.06
CA PRO A 99 3.77 -10.63 1.37
C PRO A 99 3.52 -9.47 0.41
N GLU A 100 2.41 -9.51 -0.32
CA GLU A 100 2.05 -8.45 -1.26
C GLU A 100 1.75 -7.11 -0.56
N VAL A 101 0.96 -7.15 0.51
CA VAL A 101 0.62 -5.92 1.23
C VAL A 101 1.85 -5.30 1.90
N ARG A 102 2.75 -6.15 2.40
CA ARG A 102 3.98 -5.67 3.03
C ARG A 102 5.01 -5.18 2.04
N HIS A 103 5.05 -5.78 0.86
CA HIS A 103 6.01 -5.34 -0.16
C HIS A 103 5.69 -3.93 -0.64
N HIS A 104 4.39 -3.65 -0.82
CA HIS A 104 3.96 -2.34 -1.28
C HIS A 104 3.78 -1.29 -0.18
N CYS A 105 3.48 -1.74 1.04
CA CYS A 105 3.26 -0.83 2.17
C CYS A 105 3.80 -1.43 3.48
N PRO A 106 5.12 -1.29 3.71
CA PRO A 106 5.80 -1.81 4.90
C PRO A 106 5.35 -1.35 6.29
N SER A 107 4.78 -0.16 6.41
CA SER A 107 4.38 0.31 7.73
C SER A 107 2.90 0.43 8.04
N THR A 108 2.05 0.25 7.03
CA THR A 108 0.61 0.37 7.20
C THR A 108 -0.01 -0.80 7.97
N PRO A 109 -0.82 -0.48 9.00
CA PRO A 109 -1.50 -1.47 9.85
C PRO A 109 -2.38 -2.48 9.08
N ILE A 110 -2.39 -3.72 9.56
CA ILE A 110 -3.17 -4.78 8.95
C ILE A 110 -4.16 -5.35 9.96
N ILE A 111 -5.38 -5.58 9.51
CA ILE A 111 -6.41 -6.21 10.33
C ILE A 111 -6.77 -7.52 9.61
N LEU A 112 -6.55 -8.64 10.28
CA LEU A 112 -6.88 -9.94 9.70
C LEU A 112 -8.37 -10.18 10.01
N VAL A 113 -9.13 -10.46 8.95
CA VAL A 113 -10.56 -10.68 9.07
C VAL A 113 -10.99 -12.05 8.59
N GLY A 114 -11.66 -12.78 9.48
CA GLY A 114 -12.17 -14.09 9.15
C GLY A 114 -13.61 -13.90 8.73
N THR A 115 -13.91 -14.22 7.48
CA THR A 115 -15.25 -14.05 6.96
C THR A 115 -16.11 -15.30 6.96
N LYS A 116 -17.41 -15.11 6.72
CA LYS A 116 -18.39 -16.19 6.67
C LYS A 116 -18.46 -16.98 7.97
N LEU A 117 -18.47 -16.25 9.08
CA LEU A 117 -18.54 -16.83 10.42
C LEU A 117 -19.80 -17.67 10.65
N ASP A 118 -20.89 -17.30 9.97
CA ASP A 118 -22.16 -18.00 10.07
C ASP A 118 -22.08 -19.44 9.53
N LEU A 119 -21.11 -19.69 8.65
CA LEU A 119 -20.94 -21.01 8.05
C LEU A 119 -20.01 -21.94 8.83
N ARG A 120 -19.30 -21.42 9.83
CA ARG A 120 -18.40 -22.29 10.60
C ARG A 120 -19.15 -23.39 11.35
N ASP A 121 -20.36 -23.08 11.81
CA ASP A 121 -21.20 -24.03 12.52
C ASP A 121 -22.19 -24.76 11.60
N ASP A 122 -22.20 -24.40 10.32
CA ASP A 122 -23.10 -25.02 9.35
C ASP A 122 -22.74 -26.48 9.09
N LYS A 123 -23.66 -27.37 9.42
CA LYS A 123 -23.47 -28.81 9.25
C LYS A 123 -23.10 -29.21 7.83
N ASP A 124 -23.86 -28.74 6.84
CA ASP A 124 -23.57 -29.10 5.46
C ASP A 124 -22.20 -28.58 5.01
N THR A 125 -21.86 -27.35 5.39
CA THR A 125 -20.57 -26.77 5.03
C THR A 125 -19.44 -27.59 5.67
N ILE A 126 -19.60 -27.94 6.94
CA ILE A 126 -18.61 -28.72 7.67
C ILE A 126 -18.40 -30.11 7.03
N GLU A 127 -19.50 -30.78 6.67
CA GLU A 127 -19.44 -32.11 6.05
C GLU A 127 -18.77 -32.05 4.68
N LYS A 128 -19.04 -30.99 3.91
CA LYS A 128 -18.42 -30.85 2.58
C LYS A 128 -16.90 -30.73 2.71
N LEU A 129 -16.46 -29.98 3.72
CA LEU A 129 -15.03 -29.80 3.95
C LEU A 129 -14.40 -31.11 4.40
N LYS A 130 -15.08 -31.82 5.28
CA LYS A 130 -14.59 -33.09 5.80
C LYS A 130 -14.45 -34.15 4.70
N GLU A 131 -15.22 -34.00 3.63
CA GLU A 131 -15.16 -34.93 2.50
C GLU A 131 -13.82 -34.77 1.77
N LYS A 132 -13.33 -33.53 1.72
CA LYS A 132 -12.06 -33.20 1.09
C LYS A 132 -10.91 -33.20 2.10
N LYS A 133 -11.18 -33.72 3.30
CA LYS A 133 -10.20 -33.80 4.39
C LYS A 133 -9.76 -32.42 4.87
N LEU A 134 -10.73 -31.51 4.96
CA LEU A 134 -10.55 -30.14 5.40
C LEU A 134 -11.51 -29.86 6.56
N ALA A 135 -11.21 -28.80 7.31
CA ALA A 135 -12.04 -28.39 8.44
C ALA A 135 -12.03 -26.87 8.48
N PRO A 136 -13.04 -26.26 9.10
CA PRO A 136 -13.09 -24.80 9.17
C PRO A 136 -11.94 -24.25 10.02
N ILE A 137 -11.65 -22.97 9.81
CA ILE A 137 -10.61 -22.30 10.58
C ILE A 137 -11.23 -21.95 11.93
N THR A 138 -10.63 -22.45 13.02
CA THR A 138 -11.11 -22.17 14.37
C THR A 138 -10.55 -20.83 14.83
N TYR A 139 -11.06 -20.31 15.94
CA TYR A 139 -10.59 -19.04 16.47
C TYR A 139 -9.07 -19.13 16.76
N PRO A 140 -8.61 -20.21 17.42
CA PRO A 140 -7.17 -20.33 17.69
C PRO A 140 -6.32 -20.36 16.43
N GLN A 141 -6.82 -20.97 15.37
CA GLN A 141 -6.08 -21.02 14.11
C GLN A 141 -5.98 -19.65 13.45
N GLY A 142 -7.07 -18.89 13.49
CA GLY A 142 -7.08 -17.57 12.91
C GLY A 142 -6.20 -16.64 13.72
N LEU A 143 -6.30 -16.71 15.04
CA LEU A 143 -5.51 -15.88 15.94
C LEU A 143 -4.02 -16.20 15.77
N ALA A 144 -3.72 -17.46 15.42
CA ALA A 144 -2.34 -17.88 15.22
C ALA A 144 -1.77 -17.23 13.95
N LEU A 145 -2.60 -17.13 12.90
CA LEU A 145 -2.17 -16.51 11.65
C LEU A 145 -1.95 -14.99 11.83
N ALA A 146 -2.79 -14.38 12.67
CA ALA A 146 -2.70 -12.94 12.97
C ALA A 146 -1.36 -12.62 13.64
N LYS A 147 -0.92 -13.50 14.53
CA LYS A 147 0.35 -13.31 15.21
C LYS A 147 1.50 -13.44 14.20
N GLU A 148 1.43 -14.44 13.33
CA GLU A 148 2.45 -14.67 12.32
C GLU A 148 2.66 -13.51 11.35
N ILE A 149 1.59 -12.76 11.08
CA ILE A 149 1.70 -11.61 10.18
C ILE A 149 1.77 -10.29 10.95
N ASP A 150 1.85 -10.37 12.28
CA ASP A 150 1.90 -9.20 13.15
C ASP A 150 0.74 -8.22 12.91
N SER A 151 -0.47 -8.72 12.74
CA SER A 151 -1.60 -7.84 12.53
C SER A 151 -1.95 -7.11 13.82
N VAL A 152 -2.57 -5.95 13.66
CA VAL A 152 -2.98 -5.10 14.77
C VAL A 152 -4.20 -5.66 15.48
N LYS A 153 -5.02 -6.42 14.75
CA LYS A 153 -6.24 -7.01 15.32
C LYS A 153 -6.77 -8.20 14.51
N TYR A 154 -7.32 -9.21 15.19
CA TYR A 154 -7.93 -10.36 14.53
C TYR A 154 -9.41 -10.31 14.81
N LEU A 155 -10.21 -10.32 13.76
CA LEU A 155 -11.64 -10.25 13.93
C LEU A 155 -12.37 -11.25 13.04
N GLU A 156 -13.51 -11.73 13.51
CA GLU A 156 -14.31 -12.66 12.73
C GLU A 156 -15.69 -12.04 12.56
N CYS A 157 -16.24 -12.14 11.36
CA CYS A 157 -17.54 -11.57 11.10
C CYS A 157 -18.33 -12.33 10.05
N SER A 158 -19.58 -11.93 9.87
CA SER A 158 -20.47 -12.51 8.89
C SER A 158 -21.21 -11.37 8.24
N ALA A 159 -21.04 -11.21 6.94
CA ALA A 159 -21.73 -10.16 6.18
C ALA A 159 -23.20 -10.56 6.03
N LEU A 160 -23.47 -11.87 6.00
CA LEU A 160 -24.83 -12.41 5.85
C LEU A 160 -25.77 -12.12 7.03
N THR A 161 -25.29 -12.37 8.25
CA THR A 161 -26.08 -12.12 9.46
C THR A 161 -25.72 -10.78 10.08
N GLN A 162 -24.55 -10.27 9.69
CA GLN A 162 -23.98 -9.01 10.17
C GLN A 162 -23.32 -9.10 11.55
N ARG A 163 -23.12 -10.31 12.05
CA ARG A 163 -22.47 -10.49 13.34
C ARG A 163 -21.02 -10.01 13.28
N GLY A 164 -20.69 -9.09 14.17
CA GLY A 164 -19.34 -8.53 14.22
C GLY A 164 -18.91 -7.71 13.02
N LEU A 165 -19.81 -7.47 12.06
CA LEU A 165 -19.45 -6.72 10.86
C LEU A 165 -19.05 -5.26 11.11
N LYS A 166 -19.88 -4.53 11.85
CA LYS A 166 -19.61 -3.12 12.17
C LYS A 166 -18.31 -2.95 12.95
N THR A 167 -18.00 -3.93 13.79
CA THR A 167 -16.79 -3.93 14.62
C THR A 167 -15.52 -3.92 13.76
N VAL A 168 -15.60 -4.56 12.60
CA VAL A 168 -14.46 -4.63 11.70
C VAL A 168 -14.03 -3.25 11.21
N PHE A 169 -15.00 -2.42 10.84
CA PHE A 169 -14.71 -1.08 10.35
C PHE A 169 -14.35 -0.09 11.45
N ASP A 170 -14.87 -0.32 12.66
CA ASP A 170 -14.56 0.53 13.80
C ASP A 170 -13.11 0.29 14.20
N GLU A 171 -12.67 -0.96 14.13
CA GLU A 171 -11.30 -1.32 14.47
C GLU A 171 -10.30 -0.84 13.41
N ALA A 172 -10.74 -0.79 12.15
CA ALA A 172 -9.91 -0.30 11.05
C ALA A 172 -9.53 1.16 11.35
N ILE A 173 -10.51 1.90 11.87
CA ILE A 173 -10.36 3.29 12.24
C ILE A 173 -9.50 3.45 13.49
N ARG A 174 -9.75 2.64 14.51
CA ARG A 174 -8.95 2.73 15.73
C ARG A 174 -7.50 2.37 15.47
N ALA A 175 -7.25 1.58 14.43
CA ALA A 175 -5.88 1.20 14.08
C ALA A 175 -5.08 2.41 13.57
N VAL A 176 -5.81 3.40 13.06
CA VAL A 176 -5.20 4.62 12.53
C VAL A 176 -5.18 5.74 13.58
N LEU A 177 -6.29 5.91 14.30
CA LEU A 177 -6.39 6.95 15.33
C LEU A 177 -5.63 6.65 16.61
N CYS A 178 -5.35 5.37 16.86
CA CYS A 178 -4.62 4.95 18.05
C CYS A 178 -3.57 3.92 17.62
N PRO A 179 -2.58 4.36 16.82
CA PRO A 179 -1.51 3.48 16.33
C PRO A 179 -0.48 3.04 17.37
N GLN A 180 0.79 3.13 16.97
CA GLN A 180 1.94 2.78 17.78
C GLN A 180 3.18 3.20 16.97
N PRO A 181 3.86 4.24 17.43
CA PRO A 181 5.06 4.77 16.75
C PRO A 181 6.32 3.93 16.96
N GLY B 1 7.79 -11.79 3.74
CA GLY B 1 8.14 -13.19 4.09
C GLY B 1 8.82 -13.94 2.95
N ASN B 2 8.46 -13.59 1.72
CA ASN B 2 9.03 -14.23 0.52
C ASN B 2 8.91 -13.25 -0.65
N TYR B 3 7.71 -13.17 -1.23
CA TYR B 3 7.38 -12.28 -2.35
C TYR B 3 8.17 -12.44 -3.66
N LYS B 4 7.44 -12.35 -4.77
CA LYS B 4 8.00 -12.44 -6.11
C LYS B 4 7.16 -11.58 -7.06
N PRO B 5 7.81 -10.80 -7.94
CA PRO B 5 7.13 -9.93 -8.90
C PRO B 5 6.20 -10.72 -9.81
N PRO B 6 4.96 -10.23 -9.99
CA PRO B 6 3.98 -10.90 -10.83
C PRO B 6 4.38 -10.84 -12.30
N PRO B 7 3.82 -11.73 -13.13
CA PRO B 7 4.15 -11.72 -14.56
C PRO B 7 3.79 -10.38 -15.17
N GLN B 8 4.49 -9.99 -16.22
CA GLN B 8 4.22 -8.71 -16.87
C GLN B 8 2.94 -8.76 -17.71
N LYS B 9 2.30 -7.59 -17.84
CA LYS B 9 1.07 -7.44 -18.60
C LYS B 9 0.94 -6.00 -19.07
N SER B 10 0.68 -5.83 -20.36
CA SER B 10 0.53 -4.51 -20.96
C SER B 10 -0.80 -3.91 -20.56
N LEU B 11 -0.95 -2.61 -20.77
CA LEU B 11 -2.19 -1.92 -20.45
C LEU B 11 -3.30 -2.47 -21.34
N LYS B 12 -2.93 -2.86 -22.56
CA LYS B 12 -3.87 -3.42 -23.52
C LYS B 12 -4.43 -4.74 -22.97
N GLU B 13 -3.56 -5.62 -22.47
CA GLU B 13 -4.00 -6.89 -21.91
C GLU B 13 -4.93 -6.71 -20.71
N LEU B 14 -4.63 -5.71 -19.88
CA LEU B 14 -5.44 -5.43 -18.71
C LEU B 14 -6.82 -4.91 -19.08
N GLN B 15 -6.88 -4.04 -20.10
CA GLN B 15 -8.14 -3.46 -20.55
C GLN B 15 -9.02 -4.47 -21.30
N GLU B 16 -8.40 -5.37 -22.05
CA GLU B 16 -9.12 -6.35 -22.83
C GLU B 16 -9.68 -7.54 -22.06
N MET B 17 -9.20 -7.75 -20.83
CA MET B 17 -9.67 -8.84 -19.99
C MET B 17 -11.01 -8.49 -19.35
N ASP B 18 -11.93 -9.46 -19.31
CA ASP B 18 -13.25 -9.29 -18.72
C ASP B 18 -13.91 -8.01 -19.26
N LYS B 19 -13.85 -7.84 -20.58
CA LYS B 19 -14.41 -6.68 -21.26
C LYS B 19 -15.91 -6.50 -21.08
N ASP B 20 -16.60 -7.55 -20.65
CA ASP B 20 -18.04 -7.48 -20.44
C ASP B 20 -18.43 -7.29 -18.96
N ASP B 21 -17.43 -7.31 -18.07
CA ASP B 21 -17.69 -7.14 -16.65
C ASP B 21 -17.82 -5.66 -16.28
N GLU B 22 -19.06 -5.23 -16.07
CA GLU B 22 -19.36 -3.84 -15.73
C GLU B 22 -18.61 -3.25 -14.53
N SER B 23 -18.46 -4.03 -13.46
CA SER B 23 -17.77 -3.54 -12.28
C SER B 23 -16.26 -3.44 -12.53
N LEU B 24 -15.71 -4.37 -13.29
CA LEU B 24 -14.28 -4.35 -13.61
C LEU B 24 -13.93 -3.22 -14.57
N ILE B 25 -14.90 -2.81 -15.39
CA ILE B 25 -14.72 -1.70 -16.32
C ILE B 25 -14.60 -0.41 -15.50
N LYS B 26 -15.47 -0.24 -14.49
CA LYS B 26 -15.44 0.94 -13.61
C LYS B 26 -14.15 0.94 -12.79
N TYR B 27 -13.78 -0.25 -12.32
CA TYR B 27 -12.58 -0.46 -11.53
C TYR B 27 -11.39 0.06 -12.32
N LYS B 28 -11.34 -0.30 -13.60
CA LYS B 28 -10.26 0.13 -14.49
C LYS B 28 -10.32 1.63 -14.77
N LYS B 29 -11.53 2.18 -14.82
CA LYS B 29 -11.71 3.61 -15.06
C LYS B 29 -11.24 4.38 -13.82
N THR B 30 -11.40 3.78 -12.64
CA THR B 30 -10.99 4.44 -11.41
C THR B 30 -9.47 4.41 -11.28
N LEU B 31 -8.86 3.27 -11.59
CA LEU B 31 -7.42 3.12 -11.48
C LEU B 31 -6.58 3.63 -12.65
N LEU B 32 -7.02 3.32 -13.88
CA LEU B 32 -6.30 3.72 -15.08
C LEU B 32 -6.89 4.92 -15.81
N GLY B 33 -8.18 5.18 -15.59
CA GLY B 33 -8.84 6.31 -16.23
C GLY B 33 -9.23 5.99 -17.67
N ASP B 34 -10.06 6.84 -18.25
CA ASP B 34 -10.47 6.67 -19.64
C ASP B 34 -10.41 7.96 -20.42
N GLY B 35 -10.62 7.87 -21.73
CA GLY B 35 -10.54 9.06 -22.55
C GLY B 35 -9.24 9.05 -23.33
N PRO B 36 -8.74 10.21 -23.78
CA PRO B 36 -7.50 10.34 -24.55
C PRO B 36 -6.23 9.76 -23.92
N VAL B 37 -5.55 8.91 -24.69
CA VAL B 37 -4.30 8.31 -24.26
C VAL B 37 -3.27 9.42 -24.45
N VAL B 38 -2.98 10.14 -23.37
CA VAL B 38 -2.03 11.24 -23.43
C VAL B 38 -0.62 10.83 -22.98
N THR B 39 0.36 11.21 -23.78
CA THR B 39 1.76 10.88 -23.55
C THR B 39 2.65 12.08 -23.92
N ASP B 40 3.81 12.15 -23.29
CA ASP B 40 4.79 13.19 -23.61
C ASP B 40 5.91 12.46 -24.33
N PRO B 41 5.91 12.51 -25.69
CA PRO B 41 6.95 11.84 -26.46
C PRO B 41 8.28 12.42 -26.02
N LYS B 42 9.35 11.65 -26.15
CA LYS B 42 10.67 12.11 -25.77
C LYS B 42 10.70 12.37 -24.24
N ALA B 43 10.55 11.28 -23.50
CA ALA B 43 10.56 11.29 -22.03
C ALA B 43 10.48 9.83 -21.62
N PRO B 44 11.32 9.40 -20.67
CA PRO B 44 11.33 8.02 -20.18
C PRO B 44 9.99 7.71 -19.53
N ASN B 45 9.80 6.47 -19.07
CA ASN B 45 8.54 6.16 -18.43
C ASN B 45 8.31 6.80 -17.06
N VAL B 46 9.37 6.95 -16.26
CA VAL B 46 9.22 7.53 -14.91
C VAL B 46 9.54 8.99 -14.59
N VAL B 47 10.72 9.50 -14.93
CA VAL B 47 11.06 10.90 -14.63
C VAL B 47 10.73 11.44 -13.22
N VAL B 48 11.70 11.37 -12.31
CA VAL B 48 11.54 11.89 -10.95
C VAL B 48 12.08 13.32 -11.01
N THR B 49 11.22 14.30 -10.80
CA THR B 49 11.61 15.71 -10.91
C THR B 49 12.26 16.35 -9.70
N ARG B 50 11.86 15.97 -8.50
CA ARG B 50 12.49 16.54 -7.30
C ARG B 50 12.24 15.80 -6.01
N LEU B 51 13.24 15.83 -5.14
CA LEU B 51 13.18 15.19 -3.84
C LEU B 51 13.36 16.29 -2.81
N THR B 52 12.36 16.44 -1.94
CA THR B 52 12.37 17.48 -0.91
C THR B 52 12.39 16.87 0.50
N LEU B 53 13.00 17.57 1.45
CA LEU B 53 13.04 17.10 2.83
C LEU B 53 12.18 18.02 3.68
N VAL B 54 10.96 17.57 3.99
CA VAL B 54 10.05 18.35 4.81
C VAL B 54 10.53 18.38 6.26
N CYS B 55 11.06 19.53 6.66
CA CYS B 55 11.56 19.73 8.02
C CYS B 55 10.95 21.02 8.57
N GLU B 56 9.96 20.84 9.44
CA GLU B 56 9.23 21.93 10.09
C GLU B 56 10.09 22.87 10.91
N SER B 57 11.14 22.34 11.54
CA SER B 57 12.04 23.15 12.36
C SER B 57 13.15 23.86 11.58
N ALA B 58 13.38 23.43 10.34
CA ALA B 58 14.42 24.03 9.49
C ALA B 58 14.04 25.42 9.02
N PRO B 59 15.02 26.33 8.93
CA PRO B 59 14.80 27.71 8.48
C PRO B 59 14.32 27.77 7.03
N GLY B 60 15.24 27.59 6.10
CA GLY B 60 14.90 27.61 4.69
C GLY B 60 14.61 26.21 4.15
N PRO B 61 14.13 26.11 2.89
CA PRO B 61 13.83 24.82 2.27
C PRO B 61 15.07 24.02 1.91
N ILE B 62 14.98 22.70 2.05
CA ILE B 62 16.09 21.82 1.73
C ILE B 62 15.59 20.79 0.73
N THR B 63 15.74 21.14 -0.55
CA THR B 63 15.29 20.32 -1.65
C THR B 63 16.36 20.10 -2.72
N MET B 64 16.06 19.20 -3.66
CA MET B 64 16.97 18.88 -4.75
C MET B 64 16.18 18.83 -6.04
N ASP B 65 16.51 19.71 -6.96
CA ASP B 65 15.87 19.74 -8.27
C ASP B 65 16.61 18.68 -9.10
N LEU B 66 15.92 17.58 -9.42
CA LEU B 66 16.54 16.50 -10.17
C LEU B 66 16.60 16.67 -11.69
N THR B 67 15.98 17.73 -12.20
CA THR B 67 16.00 18.00 -13.65
C THR B 67 17.18 18.91 -14.01
N GLY B 68 17.81 19.47 -12.98
CA GLY B 68 18.94 20.36 -13.16
C GLY B 68 20.30 19.71 -13.24
N ASP B 69 21.32 20.49 -12.92
CA ASP B 69 22.73 20.04 -12.95
C ASP B 69 23.00 19.05 -11.82
N LEU B 70 23.10 17.78 -12.21
CA LEU B 70 23.37 16.69 -11.28
C LEU B 70 24.81 16.71 -10.77
N GLU B 71 25.72 17.24 -11.59
CA GLU B 71 27.13 17.32 -11.23
C GLU B 71 27.40 18.33 -10.11
N ALA B 72 26.52 19.33 -9.98
CA ALA B 72 26.68 20.33 -8.93
C ALA B 72 26.12 19.72 -7.64
N LEU B 73 25.04 18.94 -7.77
CA LEU B 73 24.43 18.26 -6.62
C LEU B 73 25.45 17.27 -6.03
N LYS B 74 26.20 16.63 -6.93
CA LYS B 74 27.22 15.65 -6.56
C LYS B 74 28.28 16.31 -5.68
N LYS B 75 28.51 17.60 -5.93
CA LYS B 75 29.49 18.40 -5.22
C LYS B 75 28.90 19.25 -4.08
N GLU B 76 27.58 19.38 -4.03
CA GLU B 76 26.94 20.19 -2.99
C GLU B 76 26.63 19.45 -1.67
N THR B 77 26.40 20.22 -0.61
CA THR B 77 26.11 19.66 0.70
C THR B 77 24.79 20.12 1.31
N ILE B 78 23.93 19.16 1.63
CA ILE B 78 22.64 19.45 2.26
C ILE B 78 22.85 19.27 3.76
N VAL B 79 22.46 20.28 4.54
CA VAL B 79 22.63 20.23 5.99
C VAL B 79 21.38 19.78 6.75
N LEU B 80 21.55 18.75 7.58
CA LEU B 80 20.47 18.20 8.38
C LEU B 80 20.87 18.22 9.86
N LYS B 81 20.04 18.85 10.69
CA LYS B 81 20.30 18.94 12.12
C LYS B 81 20.08 17.60 12.80
N GLU B 82 21.02 17.21 13.66
CA GLU B 82 20.95 15.93 14.37
C GLU B 82 19.64 15.73 15.16
N GLY B 83 19.08 14.53 15.05
CA GLY B 83 17.86 14.20 15.77
C GLY B 83 16.56 14.90 15.42
N SER B 84 16.52 15.61 14.29
CA SER B 84 15.30 16.30 13.89
C SER B 84 14.37 15.39 13.07
N GLU B 85 13.06 15.56 13.27
CA GLU B 85 12.07 14.77 12.53
C GLU B 85 11.92 15.32 11.12
N TYR B 86 11.65 14.44 10.16
CA TYR B 86 11.50 14.85 8.77
C TYR B 86 10.74 13.82 7.94
N ARG B 87 10.28 14.26 6.78
CA ARG B 87 9.57 13.42 5.82
C ARG B 87 10.13 13.77 4.44
N VAL B 88 10.23 12.79 3.56
CA VAL B 88 10.76 13.05 2.22
C VAL B 88 9.62 13.13 1.20
N LYS B 89 9.59 14.23 0.45
CA LYS B 89 8.56 14.43 -0.58
C LYS B 89 9.11 14.21 -1.98
N ILE B 90 8.48 13.30 -2.71
CA ILE B 90 8.91 12.97 -4.06
C ILE B 90 7.90 13.44 -5.10
N HIS B 91 8.41 14.02 -6.19
CA HIS B 91 7.59 14.48 -7.29
C HIS B 91 8.07 13.72 -8.51
N PHE B 92 7.15 13.08 -9.22
CA PHE B 92 7.49 12.28 -10.40
C PHE B 92 6.34 12.13 -11.38
N LYS B 93 6.64 11.69 -12.60
CA LYS B 93 5.61 11.52 -13.63
C LYS B 93 5.69 10.18 -14.36
N VAL B 94 4.62 9.41 -14.33
CA VAL B 94 4.59 8.13 -15.04
C VAL B 94 4.08 8.44 -16.45
N ASN B 95 4.85 8.03 -17.45
CA ASN B 95 4.54 8.35 -18.84
C ASN B 95 3.67 7.43 -19.72
N ARG B 96 4.18 6.26 -20.10
CA ARG B 96 3.44 5.37 -21.00
C ARG B 96 2.90 4.07 -20.42
N ASP B 97 3.73 3.35 -19.67
CA ASP B 97 3.33 2.07 -19.08
C ASP B 97 3.13 2.26 -17.58
N ILE B 98 2.65 1.21 -16.92
CA ILE B 98 2.46 1.20 -15.48
C ILE B 98 3.84 0.96 -14.83
N VAL B 99 4.09 1.61 -13.71
CA VAL B 99 5.35 1.42 -12.99
C VAL B 99 5.02 0.54 -11.80
N SER B 100 5.61 -0.65 -11.74
CA SER B 100 5.35 -1.57 -10.64
C SER B 100 6.42 -1.46 -9.55
N GLY B 101 5.98 -1.08 -8.35
CA GLY B 101 6.88 -0.99 -7.21
C GLY B 101 8.05 -0.03 -7.33
N LEU B 102 7.80 1.19 -7.79
CA LEU B 102 8.85 2.19 -7.90
C LEU B 102 9.42 2.34 -6.49
N LYS B 103 10.75 2.41 -6.38
CA LYS B 103 11.39 2.53 -5.08
C LYS B 103 12.67 3.35 -5.11
N TYR B 104 13.02 3.91 -3.96
CA TYR B 104 14.22 4.71 -3.78
C TYR B 104 15.27 3.85 -3.09
N VAL B 105 16.50 3.88 -3.61
CA VAL B 105 17.60 3.14 -2.99
C VAL B 105 18.72 4.15 -2.73
N GLN B 106 19.37 4.03 -1.58
CA GLN B 106 20.45 4.92 -1.20
C GLN B 106 21.64 4.20 -0.57
N HIS B 107 22.84 4.50 -1.06
CA HIS B 107 24.07 3.93 -0.53
C HIS B 107 24.84 5.10 0.06
N THR B 108 25.04 5.06 1.38
CA THR B 108 25.73 6.11 2.10
C THR B 108 27.20 5.79 2.36
N TYR B 109 28.05 6.77 2.09
CA TYR B 109 29.49 6.62 2.27
C TYR B 109 30.03 7.67 3.25
N ARG B 110 31.16 7.32 3.87
CA ARG B 110 31.86 8.19 4.79
C ARG B 110 33.32 7.77 4.75
N THR B 111 34.17 8.76 4.50
CA THR B 111 35.61 8.56 4.40
C THR B 111 35.90 7.66 3.18
N GLY B 112 35.03 7.75 2.18
CA GLY B 112 35.16 6.98 0.97
C GLY B 112 34.62 5.55 0.97
N VAL B 113 34.18 5.05 2.13
CA VAL B 113 33.66 3.69 2.21
C VAL B 113 32.17 3.63 2.49
N LYS B 114 31.53 2.56 2.03
CA LYS B 114 30.10 2.36 2.21
C LYS B 114 29.78 1.95 3.66
N VAL B 115 29.01 2.80 4.35
CA VAL B 115 28.64 2.54 5.75
C VAL B 115 27.16 2.25 5.99
N ASP B 116 26.31 2.57 5.01
CA ASP B 116 24.88 2.32 5.16
C ASP B 116 24.11 2.23 3.85
N LYS B 117 23.01 1.50 3.88
CA LYS B 117 22.13 1.31 2.74
C LYS B 117 20.72 1.54 3.27
N ALA B 118 19.86 2.15 2.47
CA ALA B 118 18.49 2.42 2.89
C ALA B 118 17.58 2.54 1.67
N THR B 119 16.34 2.10 1.82
CA THR B 119 15.38 2.18 0.72
C THR B 119 14.00 2.48 1.27
N PHE B 120 13.10 2.82 0.35
CA PHE B 120 11.70 3.05 0.68
C PHE B 120 10.87 2.88 -0.59
N MET B 121 9.80 2.12 -0.46
CA MET B 121 8.90 1.82 -1.56
C MET B 121 8.00 3.00 -1.84
N VAL B 122 7.98 3.46 -3.10
CA VAL B 122 7.11 4.57 -3.49
C VAL B 122 5.77 3.99 -3.91
N GLY B 123 5.80 2.84 -4.60
CA GLY B 123 4.57 2.18 -5.01
C GLY B 123 4.38 1.91 -6.48
N SER B 124 3.16 1.47 -6.83
CA SER B 124 2.82 1.17 -8.22
C SER B 124 1.88 2.29 -8.68
N TYR B 125 2.18 2.86 -9.84
CA TYR B 125 1.39 3.95 -10.39
C TYR B 125 1.06 3.81 -11.87
N GLY B 126 -0.09 4.36 -12.25
CA GLY B 126 -0.51 4.30 -13.63
C GLY B 126 -0.06 5.54 -14.38
N PRO B 127 0.13 5.46 -15.71
CA PRO B 127 0.56 6.62 -16.49
C PRO B 127 -0.52 7.68 -16.65
N ARG B 128 -0.13 8.94 -16.49
CA ARG B 128 -1.06 10.06 -16.62
C ARG B 128 -0.22 11.32 -16.78
N PRO B 129 -0.82 12.39 -17.34
CA PRO B 129 -0.08 13.65 -17.53
C PRO B 129 0.34 14.30 -16.21
N GLU B 130 -0.62 14.50 -15.31
CA GLU B 130 -0.35 15.11 -14.01
C GLU B 130 0.65 14.30 -13.18
N GLU B 131 1.53 15.01 -12.49
CA GLU B 131 2.55 14.37 -11.65
C GLU B 131 1.94 13.82 -10.37
N TYR B 132 2.65 12.89 -9.76
CA TYR B 132 2.23 12.29 -8.50
C TYR B 132 3.13 12.82 -7.40
N GLU B 133 2.67 12.71 -6.17
CA GLU B 133 3.43 13.13 -5.01
C GLU B 133 3.42 11.97 -4.01
N PHE B 134 4.48 11.88 -3.23
CA PHE B 134 4.62 10.83 -2.25
C PHE B 134 5.43 11.31 -1.04
N LEU B 135 4.92 11.01 0.14
CA LEU B 135 5.54 11.37 1.40
C LEU B 135 5.74 10.10 2.23
N THR B 136 6.94 9.94 2.79
CA THR B 136 7.24 8.78 3.63
C THR B 136 6.84 9.13 5.06
N PRO B 137 6.64 8.12 5.91
CA PRO B 137 6.26 8.41 7.30
C PRO B 137 7.39 9.20 7.98
N VAL B 138 7.05 9.95 9.02
CA VAL B 138 8.05 10.75 9.74
C VAL B 138 9.23 9.92 10.23
N GLU B 139 10.43 10.45 10.02
CA GLU B 139 11.67 9.80 10.43
C GLU B 139 12.51 10.81 11.22
N GLU B 140 13.45 10.31 12.01
CA GLU B 140 14.31 11.19 12.80
C GLU B 140 15.76 11.02 12.35
N ALA B 141 16.48 12.14 12.28
CA ALA B 141 17.88 12.12 11.87
C ALA B 141 18.73 11.51 12.97
N PRO B 142 19.93 11.00 12.62
CA PRO B 142 20.84 10.39 13.60
C PRO B 142 21.29 11.44 14.61
N LYS B 143 21.65 10.99 15.81
CA LYS B 143 22.08 11.89 16.86
C LYS B 143 23.36 11.39 17.51
N GLY B 144 24.20 12.33 17.94
CA GLY B 144 25.44 11.97 18.58
C GLY B 144 26.64 12.44 17.78
N MET B 145 27.74 12.69 18.49
CA MET B 145 28.98 13.15 17.85
C MET B 145 29.59 12.05 16.96
N LEU B 146 29.17 10.81 17.18
CA LEU B 146 29.65 9.66 16.42
C LEU B 146 28.97 9.64 15.05
N ALA B 147 27.72 10.11 15.00
CA ALA B 147 26.97 10.16 13.76
C ALA B 147 27.18 11.49 13.04
N ARG B 148 27.46 12.56 13.78
CA ARG B 148 27.68 13.86 13.18
C ARG B 148 28.89 13.87 12.26
N GLY B 149 28.66 14.35 11.04
CA GLY B 149 29.72 14.42 10.06
C GLY B 149 29.12 14.51 8.66
N THR B 150 30.00 14.45 7.66
CA THR B 150 29.60 14.52 6.26
C THR B 150 29.55 13.14 5.62
N TYR B 151 28.48 12.88 4.89
CA TYR B 151 28.28 11.62 4.22
C TYR B 151 28.10 11.84 2.72
N HIS B 152 28.56 10.88 1.93
CA HIS B 152 28.39 10.97 0.50
C HIS B 152 27.36 9.93 0.07
N ASN B 153 26.27 10.40 -0.54
CA ASN B 153 25.20 9.53 -0.98
C ASN B 153 25.13 9.23 -2.47
N LYS B 154 24.80 7.97 -2.77
CA LYS B 154 24.62 7.50 -4.14
C LYS B 154 23.18 7.03 -4.17
N SER B 155 22.32 7.83 -4.79
CA SER B 155 20.91 7.49 -4.84
C SER B 155 20.44 7.05 -6.22
N PHE B 156 19.35 6.30 -6.24
CA PHE B 156 18.74 5.86 -7.48
C PHE B 156 17.31 5.39 -7.30
N PHE B 157 16.53 5.49 -8.38
CA PHE B 157 15.13 5.09 -8.39
C PHE B 157 14.97 3.89 -9.31
N THR B 158 14.55 2.76 -8.74
CA THR B 158 14.36 1.55 -9.52
C THR B 158 12.95 1.02 -9.28
N ASP B 159 12.64 -0.18 -9.76
CA ASP B 159 11.31 -0.75 -9.56
C ASP B 159 11.36 -2.28 -9.51
N ASP B 160 10.19 -2.92 -9.45
CA ASP B 160 10.08 -4.38 -9.41
C ASP B 160 10.71 -5.05 -10.64
N ASP B 161 10.74 -4.34 -11.76
CA ASP B 161 11.32 -4.86 -13.00
C ASP B 161 12.79 -4.53 -13.16
N LYS B 162 13.41 -4.03 -12.08
CA LYS B 162 14.83 -3.67 -12.03
C LYS B 162 15.24 -2.69 -13.13
N GLN B 163 14.42 -1.65 -13.34
CA GLN B 163 14.72 -0.66 -14.36
C GLN B 163 15.22 0.60 -13.71
N ASP B 164 16.44 1.01 -14.04
CA ASP B 164 16.98 2.23 -13.44
C ASP B 164 16.34 3.47 -14.06
N HIS B 165 15.60 4.20 -13.23
CA HIS B 165 14.93 5.40 -13.70
C HIS B 165 15.73 6.67 -13.45
N LEU B 166 16.63 6.63 -12.47
CA LEU B 166 17.46 7.80 -12.15
C LEU B 166 18.54 7.46 -11.15
N SER B 167 19.71 8.07 -11.33
CA SER B 167 20.84 7.87 -10.43
C SER B 167 21.56 9.20 -10.29
N TRP B 168 21.91 9.55 -9.06
CA TRP B 168 22.63 10.79 -8.81
C TRP B 168 23.36 10.71 -7.48
N GLU B 169 24.20 11.70 -7.24
CA GLU B 169 24.98 11.78 -6.01
C GLU B 169 24.80 13.14 -5.34
N TRP B 170 24.96 13.15 -4.03
CA TRP B 170 24.82 14.36 -3.25
C TRP B 170 25.50 14.14 -1.91
N ASN B 171 25.73 15.22 -1.18
CA ASN B 171 26.39 15.11 0.12
C ASN B 171 25.46 15.56 1.22
N LEU B 172 25.60 14.91 2.37
CA LEU B 172 24.79 15.22 3.53
C LEU B 172 25.68 15.44 4.74
N SER B 173 25.37 16.49 5.47
CA SER B 173 26.12 16.85 6.65
C SER B 173 25.14 16.97 7.80
N ILE B 174 25.36 16.14 8.82
CA ILE B 174 24.53 16.15 10.02
C ILE B 174 25.28 16.96 11.07
N LYS B 175 24.68 18.08 11.48
CA LYS B 175 25.32 18.96 12.46
C LYS B 175 24.48 19.25 13.69
N LYS B 176 25.10 19.86 14.70
CA LYS B 176 24.42 20.20 15.96
C LYS B 176 23.31 21.22 15.77
N GLU B 177 23.45 22.07 14.75
CA GLU B 177 22.46 23.10 14.45
C GLU B 177 22.39 23.42 12.97
N TRP B 178 21.28 24.04 12.56
CA TRP B 178 21.05 24.41 11.17
C TRP B 178 22.07 25.42 10.67
N GLY B 179 22.55 26.25 11.59
CA GLY B 179 23.52 27.27 11.25
C GLY B 179 22.84 28.48 10.63
#